data_1QBP
#
_entry.id   1QBP
#
_cell.length_a   104.450
_cell.length_b   24.270
_cell.length_c   104.450
_cell.angle_alpha   90.00
_cell.angle_beta   118.76
_cell.angle_gamma   90.00
#
_symmetry.space_group_name_H-M   'C 1 2 1'
#
loop_
_entity.id
_entity.type
_entity.pdbx_description
1 polymer "5'-R(*UP*GP*(CBV)P*(CBV)P*AP*GP*UP*UP*CP*GP*CP*UP*GP*GP*C)-3'"
2 water water
#
_entity_poly.entity_id   1
_entity_poly.type   'polyribonucleotide'
_entity_poly.pdbx_seq_one_letter_code
;UG(CBV)(CBV)AGUUCGCUGGC
;
_entity_poly.pdbx_strand_id   A,B,C,D,E,F
#
loop_
_chem_comp.id
_chem_comp.type
_chem_comp.name
_chem_comp.formula
A RNA linking ADENOSINE-5'-MONOPHOSPHATE 'C10 H14 N5 O7 P'
C RNA linking CYTIDINE-5'-MONOPHOSPHATE 'C9 H14 N3 O8 P'
CBV RNA linking '5-BROMOCYTIDINE 5'-(DIHYDROGEN PHOSPHATE)' 'C9 H13 Br N3 O8 P'
G RNA linking GUANOSINE-5'-MONOPHOSPHATE 'C10 H14 N5 O8 P'
U RNA linking URIDINE-5'-MONOPHOSPHATE 'C9 H13 N2 O9 P'
#
# COMPACT_ATOMS: atom_id res chain seq x y z
P CBV A 3 1.27 -5.36 -52.68
O1P CBV A 3 0.92 -3.96 -52.31
O2P CBV A 3 2.34 -6.12 -51.96
O5' CBV A 3 -0.06 -6.22 -52.69
C5' CBV A 3 -1.28 -5.67 -53.11
C4' CBV A 3 -2.34 -6.74 -53.04
O4' CBV A 3 -1.94 -7.87 -53.85
C3' CBV A 3 -2.53 -7.35 -51.66
O3' CBV A 3 -3.28 -6.55 -50.78
C2' CBV A 3 -3.19 -8.68 -52.01
O2' CBV A 3 -4.55 -8.52 -52.35
C1' CBV A 3 -2.45 -9.05 -53.28
N1 CBV A 3 -1.34 -9.97 -53.01
C2 CBV A 3 -1.66 -11.27 -52.69
O2 CBV A 3 -2.87 -11.57 -52.63
N3 CBV A 3 -0.67 -12.16 -52.45
C4 CBV A 3 0.60 -11.76 -52.50
N4 CBV A 3 1.54 -12.66 -52.25
C5 CBV A 3 0.95 -10.42 -52.80
C6 CBV A 3 -0.04 -9.56 -53.05
BR CBV A 3 2.73 -9.85 -52.87
P CBV A 4 -3.12 -6.78 -49.18
O1P CBV A 4 -4.02 -5.81 -48.51
O2P CBV A 4 -1.68 -6.79 -48.83
O5' CBV A 4 -3.75 -8.23 -48.96
C5' CBV A 4 -5.15 -8.44 -49.17
C4' CBV A 4 -5.57 -9.79 -48.65
O4' CBV A 4 -4.98 -10.83 -49.46
C3' CBV A 4 -5.14 -10.15 -47.24
O3' CBV A 4 -5.96 -9.59 -46.27
C2' CBV A 4 -5.25 -11.66 -47.27
O2' CBV A 4 -6.63 -12.01 -47.24
C1' CBV A 4 -4.71 -11.96 -48.66
N1 CBV A 4 -3.26 -12.20 -48.67
C2 CBV A 4 -2.78 -13.52 -48.54
O2 CBV A 4 -3.58 -14.44 -48.33
N3 CBV A 4 -1.47 -13.75 -48.64
C4 CBV A 4 -0.63 -12.73 -48.87
N4 CBV A 4 0.65 -13.03 -49.01
C5 CBV A 4 -1.08 -11.38 -48.97
C6 CBV A 4 -2.39 -11.17 -48.86
BR CBV A 4 0.12 -10.00 -49.32
P CBV B 3 -0.93 -13.04 -23.11
O1P CBV B 3 -1.62 -14.33 -23.35
O2P CBV B 3 0.16 -12.60 -24.04
O5' CBV B 3 -2.01 -11.88 -23.05
C5' CBV B 3 -3.22 -12.05 -22.31
C4' CBV B 3 -4.09 -10.83 -22.43
O4' CBV B 3 -3.52 -9.73 -21.70
C3' CBV B 3 -4.21 -10.30 -23.83
O3' CBV B 3 -5.17 -10.99 -24.54
C2' CBV B 3 -4.57 -8.84 -23.63
O2' CBV B 3 -5.97 -8.73 -23.32
C1' CBV B 3 -3.73 -8.53 -22.39
N1 CBV B 3 -2.43 -7.96 -22.71
C2 CBV B 3 -2.36 -6.61 -22.97
O2 CBV B 3 -3.40 -5.95 -22.96
N3 CBV B 3 -1.16 -6.04 -23.21
C4 CBV B 3 -0.08 -6.80 -23.24
N4 CBV B 3 1.08 -6.19 -23.48
C5 CBV B 3 -0.12 -8.19 -23.01
C6 CBV B 3 -1.31 -8.73 -22.75
BR CBV B 3 1.51 -9.12 -23.23
P CBV B 4 -5.07 -11.07 -26.12
O1P CBV B 4 -6.04 -12.11 -26.33
O2P CBV B 4 -3.65 -11.26 -26.56
O5' CBV B 4 -5.51 -9.64 -26.65
C5' CBV B 4 -6.84 -9.09 -26.50
C4' CBV B 4 -6.89 -7.67 -27.04
O4' CBV B 4 -6.11 -6.78 -26.20
C3' CBV B 4 -6.32 -7.39 -28.43
O3' CBV B 4 -7.15 -7.78 -29.49
C2' CBV B 4 -6.10 -5.90 -28.39
O2' CBV B 4 -7.35 -5.23 -28.50
C1' CBV B 4 -5.57 -5.73 -26.98
N1 CBV B 4 -4.11 -5.82 -26.94
C2 CBV B 4 -3.37 -4.68 -27.13
O2 CBV B 4 -3.96 -3.62 -27.39
N3 CBV B 4 -2.03 -4.73 -27.05
C4 CBV B 4 -1.43 -5.89 -26.82
N4 CBV B 4 -0.08 -5.89 -26.70
C5 CBV B 4 -2.15 -7.09 -26.67
C6 CBV B 4 -3.48 -7.01 -26.73
BR CBV B 4 -1.19 -8.66 -26.33
P CBV C 3 1.05 9.01 11.19
O1P CBV C 3 1.77 9.73 10.09
O2P CBV C 3 -0.39 8.65 11.01
O5' CBV C 3 1.91 7.72 11.54
C5' CBV C 3 3.30 7.87 11.79
C4' CBV C 3 3.84 6.59 12.35
O4' CBV C 3 3.17 6.27 13.58
C3' CBV C 3 3.56 5.39 11.51
O3' CBV C 3 4.42 5.30 10.40
C2' CBV C 3 3.77 4.28 12.51
O2' CBV C 3 5.15 4.14 12.76
C1' CBV C 3 3.11 4.89 13.74
N1 CBV C 3 1.71 4.49 13.86
C2 CBV C 3 1.41 3.16 14.22
O2 CBV C 3 2.32 2.33 14.40
N3 CBV C 3 0.11 2.80 14.37
C4 CBV C 3 -0.86 3.69 14.16
N4 CBV C 3 -2.12 3.29 14.31
C5 CBV C 3 -0.57 5.04 13.80
C6 CBV C 3 0.72 5.40 13.66
BR CBV C 3 -1.88 6.32 13.48
P CBV C 4 3.97 4.43 9.15
O1P CBV C 4 4.97 4.65 8.09
O2P CBV C 4 2.57 4.82 8.92
O5' CBV C 4 4.03 2.92 9.66
C5' CBV C 4 5.28 2.34 10.10
C4' CBV C 4 5.12 0.88 10.44
O4' CBV C 4 4.31 0.71 11.63
C3' CBV C 4 4.37 0.08 9.40
O3' CBV C 4 5.12 -0.23 8.26
C2' CBV C 4 3.88 -1.13 10.20
O2' CBV C 4 4.89 -2.09 10.45
C1' CBV C 4 3.52 -0.46 11.51
N1 CBV C 4 2.11 -0.08 11.56
C2 CBV C 4 1.17 -1.03 11.96
O2 CBV C 4 1.57 -2.18 12.21
N3 CBV C 4 -0.13 -0.68 12.07
C4 CBV C 4 -0.50 0.58 11.78
N4 CBV C 4 -1.77 0.92 11.95
C5 CBV C 4 0.43 1.56 11.32
C6 CBV C 4 1.71 1.19 11.23
BR CBV C 4 -0.06 3.32 10.85
P CBV D 3 -3.24 -10.26 -11.16
O1P CBV D 3 -2.93 -11.50 -10.43
O2P CBV D 3 -4.08 -9.22 -10.54
O5' CBV D 3 -1.85 -9.60 -11.56
C5' CBV D 3 -0.75 -10.43 -11.98
C4' CBV D 3 0.48 -9.58 -12.23
O4' CBV D 3 0.26 -8.71 -13.36
C3' CBV D 3 0.89 -8.64 -11.13
O3' CBV D 3 1.59 -9.34 -10.11
C2' CBV D 3 1.76 -7.64 -11.87
O2' CBV D 3 3.05 -8.23 -12.12
C1' CBV D 3 1.03 -7.55 -13.22
N1 CBV D 3 0.14 -6.40 -13.28
C2 CBV D 3 0.64 -5.18 -13.60
O2 CBV D 3 1.86 -5.09 -13.82
N3 CBV D 3 -0.18 -4.11 -13.66
C4 CBV D 3 -1.48 -4.27 -13.44
N4 CBV D 3 -2.30 -3.21 -13.52
C5 CBV D 3 -2.03 -5.52 -13.10
C6 CBV D 3 -1.20 -6.54 -13.03
BR CBV D 3 -3.83 -5.63 -12.68
P CBV D 4 1.68 -8.73 -8.64
O1P CBV D 4 2.33 -9.75 -7.84
O2P CBV D 4 0.35 -8.22 -8.22
O5' CBV D 4 2.66 -7.50 -8.81
C5' CBV D 4 4.03 -7.70 -9.08
C4' CBV D 4 4.72 -6.35 -9.16
O4' CBV D 4 4.29 -5.63 -10.35
C3' CBV D 4 4.38 -5.39 -8.04
O3' CBV D 4 5.08 -5.72 -6.88
C2' CBV D 4 4.80 -4.08 -8.64
O2' CBV D 4 6.22 -4.08 -8.72
C1' CBV D 4 4.30 -4.24 -10.07
N1 CBV D 4 2.92 -3.73 -10.24
C2 CBV D 4 2.72 -2.39 -10.53
O2 CBV D 4 3.68 -1.64 -10.59
N3 CBV D 4 1.47 -1.93 -10.73
C4 CBV D 4 0.43 -2.75 -10.60
N4 CBV D 4 -0.79 -2.24 -10.78
C5 CBV D 4 0.59 -4.11 -10.26
C6 CBV D 4 1.85 -4.56 -10.10
BR CBV D 4 -0.92 -5.16 -9.92
P CBV E 3 -0.82 7.12 51.84
O1P CBV E 3 -1.93 6.41 51.22
O2P CBV E 3 0.56 6.61 51.68
O5' CBV E 3 -0.89 8.68 51.47
C5' CBV E 3 -2.12 9.43 51.64
C4' CBV E 3 -1.90 10.90 51.41
O4' CBV E 3 -0.97 11.42 52.39
C3' CBV E 3 -1.32 11.35 50.08
O3' CBV E 3 -2.25 11.39 49.00
C2' CBV E 3 -0.74 12.72 50.41
O2' CBV E 3 -1.76 13.71 50.48
C1' CBV E 3 -0.20 12.46 51.83
N1 CBV E 3 1.21 12.05 51.80
C2 CBV E 3 2.18 13.02 51.59
O2 CBV E 3 1.83 14.19 51.39
N3 CBV E 3 3.50 12.66 51.62
C4 CBV E 3 3.83 11.39 51.86
N4 CBV E 3 5.12 11.08 51.94
C5 CBV E 3 2.85 10.37 52.03
C6 CBV E 3 1.56 10.74 51.99
BR CBV E 3 3.40 8.63 52.44
P CBV E 4 -1.71 11.30 47.48
O1P CBV E 4 -2.89 11.41 46.61
O2P CBV E 4 -0.81 10.15 47.37
O5' CBV E 4 -0.91 12.66 47.25
C5' CBV E 4 -1.65 13.88 47.25
C4' CBV E 4 -0.74 15.07 47.03
O4' CBV E 4 0.25 15.11 48.07
C3' CBV E 4 0.08 15.01 45.76
O3' CBV E 4 -0.65 15.38 44.64
C2' CBV E 4 1.23 15.94 46.07
O2' CBV E 4 0.82 17.29 45.99
C1' CBV E 4 1.46 15.60 47.54
N1 CBV E 4 2.47 14.57 47.69
C2 CBV E 4 3.79 14.95 47.61
O2 CBV E 4 4.06 16.11 47.34
N3 CBV E 4 4.75 14.04 47.82
C4 CBV E 4 4.41 12.79 48.07
N4 CBV E 4 5.39 11.92 48.30
C5 CBV E 4 3.05 12.36 48.10
C6 CBV E 4 2.13 13.28 47.91
BR CBV E 4 2.65 10.59 48.46
P CBV F 3 6.91 9.19 24.05
O1P CBV F 3 7.56 10.43 24.58
O2P CBV F 3 7.04 7.89 24.78
O5' CBV F 3 5.38 9.55 23.88
C5' CBV F 3 4.96 10.81 23.34
C4' CBV F 3 3.48 10.79 23.07
O4' CBV F 3 3.17 9.63 22.25
C3' CBV F 3 2.58 10.62 24.29
O3' CBV F 3 2.37 11.83 25.03
C2' CBV F 3 1.31 10.04 23.67
O2' CBV F 3 0.58 11.07 23.01
C1' CBV F 3 1.90 9.14 22.57
N1 CBV F 3 2.02 7.75 23.03
C2 CBV F 3 0.87 7.01 23.24
O2 CBV F 3 -0.24 7.56 23.06
N3 CBV F 3 0.96 5.74 23.65
C4 CBV F 3 2.16 5.21 23.86
N4 CBV F 3 2.22 3.93 24.28
C5 CBV F 3 3.34 5.94 23.66
C6 CBV F 3 3.24 7.19 23.25
BR CBV F 3 4.96 5.09 23.98
P CBV F 4 2.22 11.81 26.65
O1P CBV F 4 2.21 13.20 27.11
O2P CBV F 4 3.21 10.86 27.23
O5' CBV F 4 0.77 11.21 26.90
C5' CBV F 4 -0.40 11.95 26.53
C4' CBV F 4 -1.64 11.18 26.93
O4' CBV F 4 -1.72 9.94 26.18
C3' CBV F 4 -1.72 10.70 28.38
O3' CBV F 4 -2.04 11.72 29.31
C2' CBV F 4 -2.76 9.61 28.29
O2' CBV F 4 -4.06 10.18 28.14
C1' CBV F 4 -2.37 8.95 26.95
N1 CBV F 4 -1.45 7.81 27.13
C2 CBV F 4 -2.01 6.54 27.45
O2 CBV F 4 -3.21 6.45 27.61
N3 CBV F 4 -1.20 5.47 27.57
C4 CBV F 4 0.11 5.61 27.42
N4 CBV F 4 0.86 4.52 27.55
C5 CBV F 4 0.72 6.89 27.11
C6 CBV F 4 -0.10 7.94 26.98
BR CBV F 4 2.61 7.15 26.99
#